data_6QXD
#
_entry.id   6QXD
#
_cell.length_a   48.129
_cell.length_b   78.263
_cell.length_c   84.873
_cell.angle_alpha   90.00
_cell.angle_beta   105.82
_cell.angle_gamma   90.00
#
_symmetry.space_group_name_H-M   'P 1 21 1'
#
loop_
_entity.id
_entity.type
_entity.pdbx_description
1 polymer Tyrosinase
2 non-polymer 'COPPER (II) ION'
3 non-polymer (2,4-dinitrophenyl)-[4-[(4-fluorophenyl)methyl]piperazin-1-yl]methanone
4 water water
#
_entity_poly.entity_id   1
_entity_poly.type   'polypeptide(L)'
_entity_poly.pdbx_seq_one_letter_code
;KYRVRKNVLHLTDTEKRDFVRTVLILKEKGIYDRYIAWHGAAGKFHTPPGSDRNAAHMSSAFLPWHREYLLRFERDLQSI
NPEVTLPYWEWETDAQMQDPSQSQIWSADFMGGNGNPIKDFIVDTGPFAAGRWTTIDEQGNPSGGLKRNFGATKEAPTLP
TRDDVLNALKITQYDTPPWDMTSQNSFRNQLEGFINGPQLHNRVHRWVGGQMGVVPTAPNDPVFFLHHANVDRIWAVWQI
IHRNQNYQPMKNGPFGQNFRDPMYPWNTTPEDVMNHRKLGYVYDIEL
;
_entity_poly.pdbx_strand_id   A,B
#
loop_
_chem_comp.id
_chem_comp.type
_chem_comp.name
_chem_comp.formula
CU non-polymer 'COPPER (II) ION' 'Cu 2'
JKB non-polymer (2,4-dinitrophenyl)-[4-[(4-fluorophenyl)methyl]piperazin-1-yl]methanone 'C18 H17 F N4 O5'
#
# COMPACT_ATOMS: atom_id res chain seq x y z
N LYS A 1 -19.91 -10.82 16.90
CA LYS A 1 -20.10 -11.68 18.06
C LYS A 1 -20.70 -13.01 17.64
N TYR A 2 -20.98 -13.15 16.34
CA TYR A 2 -21.61 -14.35 15.83
C TYR A 2 -20.59 -15.30 15.21
N ARG A 3 -19.50 -14.72 14.71
CA ARG A 3 -18.39 -15.49 14.15
C ARG A 3 -17.43 -15.92 15.24
N VAL A 4 -17.28 -17.22 15.44
CA VAL A 4 -16.40 -17.73 16.49
C VAL A 4 -15.03 -18.13 15.93
N ARG A 5 -13.98 -17.61 16.56
CA ARG A 5 -12.61 -17.89 16.16
C ARG A 5 -11.98 -18.91 17.12
N LYS A 6 -11.72 -20.12 16.63
CA LYS A 6 -11.32 -21.23 17.48
C LYS A 6 -9.81 -21.51 17.52
N ASN A 7 -9.39 -22.21 18.56
CA ASN A 7 -8.02 -22.69 18.68
C ASN A 7 -7.77 -23.75 17.62
N VAL A 8 -6.60 -23.69 16.99
CA VAL A 8 -6.21 -24.65 15.95
C VAL A 8 -6.33 -26.09 16.44
N LEU A 9 -5.93 -26.32 17.69
CA LEU A 9 -5.99 -27.65 18.27
C LEU A 9 -7.43 -28.10 18.52
N HIS A 10 -8.35 -27.14 18.56
CA HIS A 10 -9.75 -27.43 18.80
C HIS A 10 -10.54 -27.51 17.49
N LEU A 11 -9.82 -27.66 16.37
CA LEU A 11 -10.45 -27.78 15.07
C LEU A 11 -10.73 -29.21 14.67
N THR A 12 -11.78 -29.42 13.89
CA THR A 12 -12.09 -30.74 13.35
C THR A 12 -11.36 -30.94 12.03
N ASP A 13 -11.19 -32.21 11.64
CA ASP A 13 -10.54 -32.55 10.37
C ASP A 13 -11.16 -31.82 9.18
N THR A 14 -12.48 -31.75 9.14
CA THR A 14 -13.19 -31.06 8.08
C THR A 14 -12.92 -29.56 8.11
N GLU A 15 -12.80 -29.01 9.32
CA GLU A 15 -12.53 -27.59 9.50
C GLU A 15 -11.13 -27.22 9.01
N LYS A 16 -10.15 -28.02 9.40
CA LYS A 16 -8.77 -27.80 8.97
C LYS A 16 -8.64 -27.92 7.46
N ARG A 17 -9.49 -28.76 6.86
CA ARG A 17 -9.46 -29.00 5.41
C ARG A 17 -10.10 -27.85 4.65
N ASP A 18 -11.12 -27.24 5.24
CA ASP A 18 -11.83 -26.15 4.58
C ASP A 18 -11.06 -24.83 4.66
N PHE A 19 -10.35 -24.63 5.76
CA PHE A 19 -9.53 -23.43 5.93
C PHE A 19 -8.37 -23.42 4.93
N VAL A 20 -7.63 -24.53 4.89
CA VAL A 20 -6.52 -24.68 3.96
C VAL A 20 -6.97 -24.48 2.52
N ARG A 21 -8.08 -25.09 2.16
CA ARG A 21 -8.58 -24.98 0.83
C ARG A 21 -8.90 -23.54 0.49
N THR A 22 -9.58 -22.88 1.38
CA THR A 22 -9.99 -21.50 1.16
C THR A 22 -8.78 -20.58 0.98
N VAL A 23 -7.73 -20.84 1.76
CA VAL A 23 -6.48 -20.08 1.65
C VAL A 23 -5.84 -20.30 0.29
N LEU A 24 -5.88 -21.55 -0.18
CA LEU A 24 -5.33 -21.89 -1.48
C LEU A 24 -6.13 -21.24 -2.60
N ILE A 25 -7.44 -21.08 -2.39
CA ILE A 25 -8.30 -20.44 -3.37
C ILE A 25 -8.01 -18.94 -3.45
N LEU A 26 -7.83 -18.31 -2.28
CA LEU A 26 -7.48 -16.89 -2.22
C LEU A 26 -6.14 -16.63 -2.87
N LYS A 27 -5.23 -17.60 -2.73
CA LYS A 27 -3.90 -17.51 -3.30
C LYS A 27 -3.97 -17.59 -4.83
N GLU A 28 -4.76 -18.54 -5.33
CA GLU A 28 -4.90 -18.75 -6.77
C GLU A 28 -5.55 -17.56 -7.48
N LYS A 29 -6.48 -16.89 -6.80
CA LYS A 29 -7.19 -15.77 -7.39
C LYS A 29 -6.35 -14.50 -7.43
N GLY A 30 -5.28 -14.47 -6.64
CA GLY A 30 -4.40 -13.32 -6.60
C GLY A 30 -4.72 -12.36 -5.46
N ILE A 31 -5.68 -12.76 -4.63
CA ILE A 31 -6.12 -11.93 -3.51
C ILE A 31 -5.12 -12.00 -2.35
N TYR A 32 -4.53 -13.17 -2.15
CA TYR A 32 -3.58 -13.39 -1.06
C TYR A 32 -2.36 -12.47 -1.17
N ASP A 33 -1.88 -12.26 -2.39
CA ASP A 33 -0.70 -11.42 -2.62
C ASP A 33 -0.91 -9.98 -2.18
N ARG A 34 -2.16 -9.54 -2.16
CA ARG A 34 -2.48 -8.17 -1.74
C ARG A 34 -2.14 -7.97 -0.26
N TYR A 35 -2.29 -9.03 0.53
CA TYR A 35 -2.02 -8.95 1.96
C TYR A 35 -0.53 -8.97 2.25
N ILE A 36 0.23 -9.71 1.44
CA ILE A 36 1.68 -9.70 1.56
C ILE A 36 2.21 -8.32 1.23
N ALA A 37 1.66 -7.72 0.18
CA ALA A 37 2.09 -6.40 -0.25
C ALA A 37 1.70 -5.32 0.75
N TRP A 38 0.45 -5.39 1.23
CA TRP A 38 -0.05 -4.44 2.23
C TRP A 38 0.87 -4.40 3.44
N HIS A 39 1.25 -5.58 3.91
CA HIS A 39 2.11 -5.70 5.08
C HIS A 39 3.50 -5.12 4.82
N GLY A 40 4.04 -5.42 3.64
CA GLY A 40 5.36 -4.93 3.26
C GLY A 40 5.36 -3.43 3.08
N ALA A 41 4.28 -2.90 2.49
CA ALA A 41 4.15 -1.47 2.27
C ALA A 41 4.08 -0.71 3.59
N ALA A 42 3.35 -1.27 4.55
CA ALA A 42 3.18 -0.62 5.85
C ALA A 42 4.48 -0.59 6.63
N GLY A 43 5.28 -1.65 6.49
CA GLY A 43 6.56 -1.74 7.16
C GLY A 43 7.57 -0.71 6.68
N LYS A 44 7.34 -0.19 5.48
CA LYS A 44 8.23 0.81 4.90
C LYS A 44 7.64 2.23 5.01
N PHE A 45 6.46 2.34 5.60
CA PHE A 45 5.83 3.64 5.80
C PHE A 45 6.07 4.15 7.21
N HIS A 46 7.07 5.02 7.36
CA HIS A 46 7.50 5.48 8.67
C HIS A 46 6.66 6.65 9.17
N THR A 47 6.40 6.69 10.47
CA THR A 47 5.58 7.72 11.08
C THR A 47 6.28 8.33 12.30
N PRO A 48 6.95 9.48 12.10
CA PRO A 48 7.10 10.20 10.84
C PRO A 48 8.31 9.71 10.05
N PRO A 49 8.49 10.19 8.81
CA PRO A 49 9.70 9.82 8.06
C PRO A 49 10.99 10.19 8.79
N GLY A 50 11.91 9.24 8.90
CA GLY A 50 13.15 9.45 9.61
C GLY A 50 13.22 8.61 10.87
N SER A 51 12.06 8.38 11.48
CA SER A 51 11.98 7.61 12.71
C SER A 51 11.93 6.11 12.42
N ASP A 52 12.00 5.32 13.48
CA ASP A 52 11.98 3.86 13.35
C ASP A 52 10.58 3.30 13.46
N ARG A 53 9.61 4.15 13.77
CA ARG A 53 8.22 3.73 13.80
C ARG A 53 7.71 3.53 12.38
N ASN A 54 6.78 2.59 12.20
CA ASN A 54 6.06 2.48 10.95
C ASN A 54 4.58 2.22 11.21
N ALA A 55 3.80 2.18 10.13
CA ALA A 55 2.34 2.09 10.24
C ALA A 55 1.87 0.81 10.92
N ALA A 56 2.68 -0.24 10.85
CA ALA A 56 2.24 -1.54 11.34
C ALA A 56 3.09 -2.10 12.48
N HIS A 57 4.28 -1.53 12.70
CA HIS A 57 5.20 -2.09 13.70
C HIS A 57 5.94 -1.04 14.50
N MET A 58 6.49 -1.48 15.63
CA MET A 58 7.35 -0.65 16.48
C MET A 58 6.65 0.63 16.92
N SER A 59 5.33 0.53 17.12
CA SER A 59 4.53 1.70 17.47
C SER A 59 3.15 1.28 17.95
N SER A 60 2.38 2.24 18.43
CA SER A 60 1.09 1.99 19.07
C SER A 60 0.09 1.34 18.12
N ALA A 61 0.21 1.63 16.83
CA ALA A 61 -0.73 1.13 15.84
C ALA A 61 -0.55 -0.35 15.54
N PHE A 62 0.51 -0.94 16.08
CA PHE A 62 0.84 -2.35 15.86
C PHE A 62 -0.36 -3.28 16.03
N LEU A 63 -1.04 -3.16 17.16
CA LEU A 63 -2.17 -4.03 17.45
C LEU A 63 -3.44 -3.73 16.62
N PRO A 64 -3.86 -2.45 16.55
CA PRO A 64 -5.06 -2.22 15.73
C PRO A 64 -4.83 -2.45 14.23
N TRP A 65 -3.61 -2.19 13.75
CA TRP A 65 -3.30 -2.40 12.34
C TRP A 65 -3.51 -3.86 11.96
N HIS A 66 -2.91 -4.75 12.73
CA HIS A 66 -2.99 -6.18 12.44
C HIS A 66 -4.40 -6.73 12.67
N ARG A 67 -5.16 -6.10 13.56
CA ARG A 67 -6.54 -6.50 13.78
C ARG A 67 -7.38 -6.19 12.54
N GLU A 68 -7.13 -5.02 11.95
CA GLU A 68 -7.79 -4.66 10.70
C GLU A 68 -7.30 -5.56 9.56
N TYR A 69 -6.01 -5.87 9.60
CA TYR A 69 -5.38 -6.76 8.63
C TYR A 69 -6.06 -8.14 8.63
N LEU A 70 -6.28 -8.69 9.81
CA LEU A 70 -6.93 -9.99 9.95
C LEU A 70 -8.41 -9.93 9.58
N LEU A 71 -9.06 -8.83 9.94
CA LEU A 71 -10.48 -8.64 9.66
C LEU A 71 -10.73 -8.69 8.15
N ARG A 72 -9.95 -7.92 7.39
CA ARG A 72 -10.06 -7.91 5.94
C ARG A 72 -9.79 -9.29 5.35
N PHE A 73 -8.79 -9.97 5.89
CA PHE A 73 -8.43 -11.30 5.43
C PHE A 73 -9.55 -12.30 5.66
N GLU A 74 -10.16 -12.23 6.85
CA GLU A 74 -11.25 -13.13 7.20
C GLU A 74 -12.48 -12.91 6.34
N ARG A 75 -12.76 -11.65 6.02
CA ARG A 75 -13.88 -11.31 5.15
C ARG A 75 -13.69 -11.89 3.76
N ASP A 76 -12.45 -11.88 3.28
CA ASP A 76 -12.13 -12.46 1.98
C ASP A 76 -12.29 -13.98 2.00
N LEU A 77 -11.98 -14.59 3.14
CA LEU A 77 -12.14 -16.04 3.30
C LEU A 77 -13.61 -16.44 3.18
N GLN A 78 -14.48 -15.68 3.83
CA GLN A 78 -15.90 -15.99 3.85
C GLN A 78 -16.61 -15.66 2.54
N SER A 79 -15.99 -14.83 1.71
CA SER A 79 -16.51 -14.58 0.37
C SER A 79 -16.43 -15.86 -0.45
N ILE A 80 -15.49 -16.73 -0.08
CA ILE A 80 -15.32 -18.03 -0.71
C ILE A 80 -16.19 -19.07 0.01
N ASN A 81 -16.11 -19.06 1.34
CA ASN A 81 -16.87 -19.99 2.17
C ASN A 81 -17.25 -19.32 3.48
N PRO A 82 -18.53 -18.93 3.60
CA PRO A 82 -19.06 -18.18 4.75
C PRO A 82 -18.95 -18.92 6.09
N GLU A 83 -18.66 -20.22 6.05
CA GLU A 83 -18.56 -21.01 7.26
C GLU A 83 -17.14 -21.01 7.83
N VAL A 84 -16.20 -20.45 7.09
CA VAL A 84 -14.80 -20.46 7.49
C VAL A 84 -14.44 -19.22 8.31
N THR A 85 -13.82 -19.45 9.46
CA THR A 85 -13.32 -18.36 10.30
C THR A 85 -11.82 -18.55 10.54
N LEU A 86 -11.15 -17.48 10.93
CA LEU A 86 -9.71 -17.51 11.14
C LEU A 86 -9.34 -18.12 12.47
N PRO A 87 -8.66 -19.28 12.46
CA PRO A 87 -8.24 -19.91 13.71
C PRO A 87 -7.03 -19.19 14.29
N TYR A 88 -6.61 -19.56 15.50
CA TYR A 88 -5.43 -18.96 16.10
C TYR A 88 -4.48 -20.03 16.64
N TRP A 89 -3.19 -19.71 16.61
CA TRP A 89 -2.16 -20.61 17.10
C TRP A 89 -1.78 -20.25 18.53
N GLU A 90 -2.27 -21.03 19.48
CA GLU A 90 -1.98 -20.81 20.89
C GLU A 90 -0.57 -21.30 21.21
N TRP A 91 0.43 -20.55 20.74
CA TRP A 91 1.84 -20.93 20.90
C TRP A 91 2.33 -21.00 22.35
N GLU A 92 1.65 -20.32 23.26
CA GLU A 92 2.07 -20.33 24.67
C GLU A 92 1.91 -21.71 25.31
N THR A 93 0.97 -22.50 24.81
CA THR A 93 0.80 -23.87 25.29
C THR A 93 1.77 -24.82 24.61
N ASP A 94 2.05 -24.56 23.34
CA ASP A 94 3.01 -25.36 22.57
C ASP A 94 4.41 -25.22 23.15
N ALA A 95 4.65 -24.11 23.84
CA ALA A 95 5.94 -23.85 24.46
C ALA A 95 6.22 -24.80 25.62
N GLN A 96 5.17 -25.31 26.22
CA GLN A 96 5.29 -26.24 27.35
C GLN A 96 6.00 -27.52 26.94
N MET A 97 5.92 -27.84 25.65
CA MET A 97 6.61 -28.99 25.08
C MET A 97 8.12 -28.74 25.04
N GLN A 98 8.91 -29.82 25.00
CA GLN A 98 10.35 -29.68 24.86
C GLN A 98 10.69 -29.48 23.39
N ASP A 99 9.74 -29.86 22.54
CA ASP A 99 9.91 -29.71 21.10
C ASP A 99 8.58 -29.35 20.46
N PRO A 100 8.26 -28.05 20.42
CA PRO A 100 7.01 -27.50 19.89
C PRO A 100 6.73 -27.91 18.44
N SER A 101 7.75 -28.39 17.74
CA SER A 101 7.60 -28.81 16.34
C SER A 101 6.77 -30.09 16.20
N GLN A 102 6.40 -30.68 17.33
CA GLN A 102 5.59 -31.89 17.32
C GLN A 102 4.11 -31.54 17.47
N SER A 103 3.83 -30.24 17.49
CA SER A 103 2.45 -29.75 17.60
C SER A 103 1.60 -30.16 16.41
N GLN A 104 0.30 -30.27 16.63
CA GLN A 104 -0.64 -30.70 15.60
C GLN A 104 -0.76 -29.69 14.47
N ILE A 105 -0.40 -28.44 14.75
CA ILE A 105 -0.47 -27.39 13.74
C ILE A 105 0.50 -27.63 12.58
N TRP A 106 1.60 -28.33 12.86
CA TRP A 106 2.62 -28.57 11.84
C TRP A 106 2.43 -29.89 11.11
N SER A 107 1.21 -30.42 11.15
CA SER A 107 0.92 -31.68 10.47
C SER A 107 0.72 -31.43 8.98
N ALA A 108 0.96 -32.47 8.18
CA ALA A 108 0.91 -32.35 6.73
C ALA A 108 -0.47 -32.00 6.18
N ASP A 109 -1.48 -32.09 7.04
CA ASP A 109 -2.85 -31.80 6.64
C ASP A 109 -3.27 -30.36 6.98
N PHE A 110 -2.35 -29.59 7.55
CA PHE A 110 -2.65 -28.21 7.90
C PHE A 110 -1.62 -27.18 7.42
N MET A 111 -0.55 -27.00 8.18
CA MET A 111 0.44 -25.97 7.86
C MET A 111 1.69 -26.57 7.23
N GLY A 112 1.95 -27.84 7.52
CA GLY A 112 3.18 -28.47 7.06
C GLY A 112 4.24 -28.37 8.14
N GLY A 113 5.34 -29.10 7.98
CA GLY A 113 6.34 -29.19 9.01
C GLY A 113 7.48 -28.20 8.90
N ASN A 114 8.60 -28.54 9.53
CA ASN A 114 9.79 -27.70 9.55
C ASN A 114 10.47 -27.68 8.18
N GLY A 115 11.44 -26.79 8.00
CA GLY A 115 12.14 -26.73 6.72
C GLY A 115 13.13 -27.87 6.58
N ASN A 116 13.51 -28.14 5.33
CA ASN A 116 14.46 -29.20 5.00
C ASN A 116 15.89 -28.66 4.89
N PRO A 117 16.78 -29.12 5.78
CA PRO A 117 18.17 -28.65 5.80
C PRO A 117 18.96 -29.04 4.55
N ILE A 118 18.38 -29.90 3.71
CA ILE A 118 19.02 -30.33 2.49
C ILE A 118 18.64 -29.39 1.35
N LYS A 119 17.55 -28.66 1.54
CA LYS A 119 17.09 -27.71 0.53
C LYS A 119 17.13 -26.27 1.02
N ASP A 120 18.09 -25.94 1.88
CA ASP A 120 18.25 -24.58 2.39
C ASP A 120 17.03 -24.19 3.23
N PHE A 121 16.46 -25.18 3.91
CA PHE A 121 15.35 -25.03 4.84
C PHE A 121 14.02 -24.73 4.13
N ILE A 122 13.92 -25.16 2.88
CA ILE A 122 12.67 -25.10 2.15
C ILE A 122 11.66 -26.10 2.73
N VAL A 123 10.42 -25.65 2.92
CA VAL A 123 9.36 -26.53 3.40
C VAL A 123 8.91 -27.45 2.27
N ASP A 124 8.97 -28.76 2.52
CA ASP A 124 8.63 -29.74 1.50
C ASP A 124 7.46 -30.63 1.91
N THR A 125 6.81 -30.27 3.01
CA THR A 125 5.63 -31.00 3.48
C THR A 125 4.45 -30.05 3.68
N GLY A 126 3.24 -30.60 3.61
CA GLY A 126 2.03 -29.82 3.79
C GLY A 126 1.56 -29.20 2.49
N PRO A 127 0.37 -28.57 2.53
CA PRO A 127 -0.21 -27.95 1.34
C PRO A 127 0.50 -26.67 0.90
N PHE A 128 1.44 -26.20 1.71
CA PHE A 128 2.15 -24.97 1.40
C PHE A 128 3.63 -25.23 1.10
N ALA A 129 3.92 -26.43 0.62
CA ALA A 129 5.29 -26.80 0.29
C ALA A 129 5.67 -26.24 -1.07
N ALA A 130 6.97 -26.18 -1.33
CA ALA A 130 7.48 -25.74 -2.62
C ALA A 130 6.92 -26.61 -3.74
N GLY A 131 6.25 -25.99 -4.69
CA GLY A 131 5.62 -26.71 -5.79
C GLY A 131 4.11 -26.55 -5.79
N ARG A 132 3.54 -26.25 -4.62
CA ARG A 132 2.10 -26.02 -4.52
C ARG A 132 1.82 -24.61 -4.01
N TRP A 133 2.86 -23.94 -3.53
CA TRP A 133 2.70 -22.62 -2.92
C TRP A 133 3.85 -21.70 -3.31
N THR A 134 3.53 -20.66 -4.06
CA THR A 134 4.54 -19.73 -4.54
C THR A 134 4.72 -18.57 -3.56
N THR A 135 5.96 -18.17 -3.35
CA THR A 135 6.26 -17.06 -2.44
C THR A 135 6.89 -15.90 -3.20
N ILE A 136 6.75 -14.71 -2.65
CA ILE A 136 7.37 -13.53 -3.25
C ILE A 136 8.37 -12.91 -2.29
N ASP A 137 9.39 -12.26 -2.84
CA ASP A 137 10.45 -11.69 -2.01
C ASP A 137 10.10 -10.27 -1.56
N GLU A 138 11.05 -9.61 -0.93
CA GLU A 138 10.87 -8.25 -0.41
C GLU A 138 10.55 -7.25 -1.51
N GLN A 139 10.82 -7.63 -2.77
CA GLN A 139 10.64 -6.72 -3.89
C GLN A 139 9.36 -7.00 -4.68
N GLY A 140 8.62 -8.02 -4.26
CA GLY A 140 7.38 -8.39 -4.95
C GLY A 140 7.63 -9.35 -6.10
N ASN A 141 8.81 -9.96 -6.11
CA ASN A 141 9.18 -10.91 -7.14
C ASN A 141 9.23 -12.33 -6.60
N PRO A 142 8.89 -13.33 -7.44
CA PRO A 142 8.88 -14.74 -7.02
C PRO A 142 10.19 -15.13 -6.32
N SER A 143 10.11 -15.95 -5.27
CA SER A 143 11.30 -16.27 -4.49
C SER A 143 11.68 -17.75 -4.42
N GLY A 144 10.81 -18.62 -4.90
CA GLY A 144 11.14 -20.04 -4.94
C GLY A 144 10.66 -20.94 -3.82
N GLY A 145 9.73 -20.46 -3.00
CA GLY A 145 9.09 -21.28 -2.00
C GLY A 145 9.30 -20.93 -0.53
N LEU A 146 8.42 -21.47 0.30
CA LEU A 146 8.40 -21.22 1.73
C LEU A 146 9.54 -21.87 2.51
N LYS A 147 10.09 -21.13 3.48
CA LYS A 147 11.15 -21.66 4.33
C LYS A 147 10.81 -21.55 5.81
N ARG A 148 11.25 -22.55 6.57
CA ARG A 148 11.10 -22.57 8.03
C ARG A 148 12.33 -23.18 8.68
N ASN A 149 12.64 -22.75 9.90
CA ASN A 149 13.81 -23.25 10.61
C ASN A 149 13.65 -23.05 12.11
N PHE A 150 12.83 -23.90 12.72
CA PHE A 150 12.42 -23.80 14.12
C PHE A 150 13.57 -23.68 15.12
N GLY A 151 13.49 -22.65 15.95
CA GLY A 151 14.41 -22.44 17.06
C GLY A 151 15.90 -22.58 16.79
N ALA A 152 16.32 -22.20 15.58
CA ALA A 152 17.73 -22.27 15.23
C ALA A 152 18.43 -20.95 15.50
N THR A 153 17.77 -20.09 16.26
CA THR A 153 18.31 -18.77 16.59
C THR A 153 18.71 -18.72 18.06
N LYS A 154 19.76 -17.96 18.37
CA LYS A 154 20.26 -17.85 19.73
C LYS A 154 19.38 -16.90 20.55
N GLU A 155 18.82 -15.91 19.87
CA GLU A 155 17.99 -14.91 20.53
C GLU A 155 16.59 -15.46 20.84
N ALA A 156 16.16 -16.46 20.09
CA ALA A 156 14.85 -17.07 20.31
C ALA A 156 14.86 -18.59 20.13
N PRO A 157 15.51 -19.31 21.05
CA PRO A 157 15.56 -20.77 20.94
C PRO A 157 14.25 -21.42 21.37
N THR A 158 13.39 -20.68 22.05
CA THR A 158 12.13 -21.22 22.54
C THR A 158 10.95 -20.33 22.17
N LEU A 159 9.75 -20.90 22.27
CA LEU A 159 8.51 -20.14 22.10
C LEU A 159 8.13 -19.45 23.41
N PRO A 160 7.35 -18.36 23.34
CA PRO A 160 6.93 -17.66 24.55
C PRO A 160 6.05 -18.54 25.43
N THR A 161 6.09 -18.32 26.74
CA THR A 161 5.38 -19.18 27.68
C THR A 161 4.07 -18.55 28.13
N ARG A 162 3.22 -19.35 28.78
CA ARG A 162 1.95 -18.85 29.27
C ARG A 162 2.17 -17.76 30.32
N ASP A 163 3.23 -17.91 31.12
CA ASP A 163 3.60 -16.90 32.10
C ASP A 163 3.96 -15.58 31.43
N ASP A 164 4.70 -15.65 30.33
CA ASP A 164 5.07 -14.47 29.57
C ASP A 164 3.83 -13.71 29.14
N VAL A 165 2.81 -14.45 28.70
CA VAL A 165 1.54 -13.87 28.30
C VAL A 165 0.84 -13.25 29.51
N LEU A 166 0.80 -13.98 30.61
CA LEU A 166 0.14 -13.51 31.82
C LEU A 166 0.84 -12.26 32.39
N ASN A 167 2.16 -12.28 32.37
CA ASN A 167 2.94 -11.13 32.84
C ASN A 167 2.66 -9.88 32.01
N ALA A 168 2.42 -10.07 30.71
CA ALA A 168 2.09 -8.97 29.82
C ALA A 168 0.71 -8.42 30.15
N LEU A 169 -0.19 -9.30 30.56
CA LEU A 169 -1.55 -8.90 30.90
C LEU A 169 -1.60 -8.05 32.18
N LYS A 170 -0.50 -8.05 32.93
CA LYS A 170 -0.42 -7.30 34.18
C LYS A 170 -0.28 -5.80 33.94
N ILE A 171 0.22 -5.43 32.77
CA ILE A 171 0.44 -4.03 32.41
C ILE A 171 -0.88 -3.25 32.40
N THR A 172 -0.82 -2.04 32.91
CA THR A 172 -1.98 -1.18 32.99
C THR A 172 -2.15 -0.26 31.80
N GLN A 173 -1.07 0.31 31.34
CA GLN A 173 -1.10 1.24 30.22
C GLN A 173 -1.01 0.50 28.90
N TYR A 174 -1.88 0.86 27.95
CA TYR A 174 -1.84 0.28 26.62
C TYR A 174 -0.48 0.57 25.98
N ASP A 175 -0.11 1.84 26.00
CA ASP A 175 1.18 2.27 25.47
C ASP A 175 1.65 3.54 26.18
N THR A 176 2.94 3.81 26.07
CA THR A 176 3.54 4.97 26.72
C THR A 176 4.47 5.69 25.75
N PRO A 177 4.63 7.01 25.91
CA PRO A 177 5.58 7.76 25.10
C PRO A 177 6.99 7.19 25.22
N PRO A 178 7.80 7.31 24.16
CA PRO A 178 7.51 8.00 22.90
C PRO A 178 6.82 7.13 21.85
N TRP A 179 6.01 6.17 22.30
CA TRP A 179 5.24 5.29 21.43
C TRP A 179 6.12 4.61 20.39
N ASP A 180 7.05 3.78 20.87
CA ASP A 180 8.01 3.11 20.00
C ASP A 180 8.70 1.94 20.69
N MET A 181 9.84 1.55 20.17
CA MET A 181 10.60 0.44 20.68
C MET A 181 10.97 0.53 22.14
N THR A 182 11.10 1.73 22.66
CA THR A 182 11.60 1.97 24.01
C THR A 182 10.52 2.25 25.04
N SER A 183 9.25 2.18 24.63
CA SER A 183 8.15 2.42 25.56
C SER A 183 8.19 1.45 26.73
N GLN A 184 8.16 2.00 27.95
CA GLN A 184 8.22 1.19 29.15
C GLN A 184 6.86 1.11 29.81
N ASN A 185 6.62 0.03 30.54
CA ASN A 185 5.33 -0.23 31.18
C ASN A 185 4.20 -0.16 30.16
N SER A 186 4.50 -0.58 28.94
CA SER A 186 3.55 -0.55 27.84
C SER A 186 3.11 -1.96 27.47
N PHE A 187 1.81 -2.20 27.48
CA PHE A 187 1.27 -3.51 27.12
C PHE A 187 1.56 -3.82 25.65
N ARG A 188 1.38 -2.82 24.80
CA ARG A 188 1.61 -2.96 23.37
C ARG A 188 3.04 -3.39 23.10
N ASN A 189 3.99 -2.60 23.60
CA ASN A 189 5.41 -2.88 23.39
C ASN A 189 5.82 -4.21 24.03
N GLN A 190 5.13 -4.58 25.10
CA GLN A 190 5.39 -5.84 25.77
C GLN A 190 4.91 -7.00 24.92
N LEU A 191 3.67 -6.90 24.43
CA LEU A 191 3.10 -7.95 23.60
C LEU A 191 3.83 -8.04 22.27
N GLU A 192 4.24 -6.89 21.73
CA GLU A 192 5.02 -6.88 20.49
C GLU A 192 6.35 -7.57 20.72
N GLY A 193 6.99 -7.31 21.86
CA GLY A 193 8.15 -8.06 22.29
C GLY A 193 9.50 -7.36 22.24
N PHE A 194 9.51 -6.06 22.48
CA PHE A 194 10.78 -5.32 22.45
C PHE A 194 11.37 -5.14 23.85
N ILE A 195 10.56 -5.35 24.89
CA ILE A 195 11.06 -5.28 26.25
C ILE A 195 11.89 -6.52 26.56
N ASN A 196 13.21 -6.33 26.64
CA ASN A 196 14.16 -7.44 26.76
C ASN A 196 13.96 -8.44 25.62
N GLY A 197 13.79 -7.91 24.41
CA GLY A 197 13.45 -8.69 23.25
C GLY A 197 14.56 -9.61 22.76
N PRO A 198 14.20 -10.57 21.89
CA PRO A 198 12.83 -10.75 21.40
C PRO A 198 11.95 -11.57 22.34
N GLN A 199 10.74 -11.08 22.61
CA GLN A 199 9.79 -11.79 23.46
C GLN A 199 8.43 -11.86 22.78
N LEU A 200 7.59 -12.78 23.25
CA LEU A 200 6.22 -12.93 22.76
C LEU A 200 6.10 -12.90 21.24
N HIS A 201 5.40 -11.89 20.72
CA HIS A 201 5.19 -11.73 19.28
C HIS A 201 6.46 -11.80 18.44
N ASN A 202 7.42 -10.93 18.74
CA ASN A 202 8.70 -10.91 18.02
C ASN A 202 9.43 -12.24 18.10
N ARG A 203 9.29 -12.91 19.23
CA ARG A 203 9.97 -14.18 19.47
C ARG A 203 9.41 -15.31 18.62
N VAL A 204 8.08 -15.34 18.47
CA VAL A 204 7.41 -16.34 17.64
C VAL A 204 7.93 -16.28 16.21
N HIS A 205 8.05 -15.06 15.68
CA HIS A 205 8.59 -14.85 14.35
C HIS A 205 10.01 -15.39 14.22
N ARG A 206 10.86 -15.05 15.17
CA ARG A 206 12.26 -15.51 15.15
C ARG A 206 12.39 -17.00 15.36
N TRP A 207 11.42 -17.60 16.03
CA TRP A 207 11.44 -19.03 16.31
C TRP A 207 11.09 -19.82 15.06
N VAL A 208 10.08 -19.38 14.33
CA VAL A 208 9.66 -20.07 13.11
C VAL A 208 10.75 -19.99 12.04
N GLY A 209 11.37 -18.83 11.92
CA GLY A 209 12.44 -18.62 10.95
C GLY A 209 11.90 -18.55 9.54
N GLY A 210 12.80 -18.55 8.56
CA GLY A 210 12.41 -18.43 7.17
C GLY A 210 11.81 -17.08 6.88
N GLN A 211 10.76 -17.05 6.06
CA GLN A 211 10.08 -15.80 5.74
C GLN A 211 9.48 -15.14 6.98
N MET A 212 9.02 -15.97 7.92
CA MET A 212 8.41 -15.46 9.15
C MET A 212 9.41 -14.66 10.00
N GLY A 213 10.70 -14.85 9.76
CA GLY A 213 11.73 -14.16 10.50
C GLY A 213 11.97 -12.73 10.02
N VAL A 214 11.50 -12.43 8.81
CA VAL A 214 11.70 -11.11 8.21
C VAL A 214 10.36 -10.40 7.98
N VAL A 215 10.27 -9.15 8.41
CA VAL A 215 9.01 -8.39 8.33
C VAL A 215 8.35 -8.38 6.94
N PRO A 216 9.05 -7.89 5.90
CA PRO A 216 8.35 -7.77 4.61
C PRO A 216 7.87 -9.08 3.97
N THR A 217 8.37 -10.22 4.42
CA THR A 217 8.01 -11.49 3.79
C THR A 217 7.30 -12.48 4.70
N ALA A 218 7.05 -12.10 5.94
CA ALA A 218 6.39 -12.98 6.90
C ALA A 218 5.02 -13.52 6.46
N PRO A 219 4.15 -12.66 5.87
CA PRO A 219 2.85 -13.20 5.46
C PRO A 219 2.90 -14.27 4.37
N ASN A 220 4.07 -14.53 3.79
CA ASN A 220 4.21 -15.62 2.81
C ASN A 220 3.85 -16.97 3.43
N ASP A 221 4.06 -17.08 4.74
CA ASP A 221 3.69 -18.28 5.49
C ASP A 221 2.28 -18.11 6.05
N PRO A 222 1.36 -18.99 5.66
CA PRO A 222 -0.04 -18.93 6.12
C PRO A 222 -0.18 -18.95 7.65
N VAL A 223 0.80 -19.51 8.35
CA VAL A 223 0.79 -19.56 9.81
C VAL A 223 0.88 -18.15 10.41
N PHE A 224 1.23 -17.17 9.58
CA PHE A 224 1.34 -15.79 10.03
C PHE A 224 0.01 -15.27 10.55
N PHE A 225 -1.08 -15.65 9.89
CA PHE A 225 -2.41 -15.21 10.29
C PHE A 225 -2.86 -15.92 11.57
N LEU A 226 -2.48 -17.19 11.68
CA LEU A 226 -2.80 -17.96 12.88
C LEU A 226 -2.07 -17.38 14.09
N HIS A 227 -0.82 -16.98 13.86
CA HIS A 227 0.00 -16.36 14.90
C HIS A 227 -0.59 -15.03 15.36
N HIS A 228 -0.90 -14.15 14.41
CA HIS A 228 -1.44 -12.83 14.76
C HIS A 228 -2.88 -12.89 15.25
N ALA A 229 -3.57 -13.99 14.96
CA ALA A 229 -4.91 -14.17 15.50
C ALA A 229 -4.81 -14.43 16.99
N ASN A 230 -3.74 -15.10 17.40
CA ASN A 230 -3.45 -15.31 18.81
C ASN A 230 -3.04 -14.02 19.50
N VAL A 231 -2.26 -13.20 18.80
CA VAL A 231 -1.83 -11.90 19.32
C VAL A 231 -3.05 -11.00 19.49
N ASP A 232 -3.96 -11.06 18.53
CA ASP A 232 -5.19 -10.29 18.59
C ASP A 232 -6.09 -10.79 19.72
N ARG A 233 -6.05 -12.09 19.96
CA ARG A 233 -6.83 -12.71 21.02
C ARG A 233 -6.31 -12.27 22.39
N ILE A 234 -4.99 -12.29 22.54
CA ILE A 234 -4.35 -11.81 23.76
C ILE A 234 -4.69 -10.34 24.03
N TRP A 235 -4.68 -9.53 22.97
CA TRP A 235 -5.06 -8.12 23.08
C TRP A 235 -6.52 -7.96 23.53
N ALA A 236 -7.40 -8.76 22.93
CA ALA A 236 -8.82 -8.72 23.27
C ALA A 236 -9.04 -9.07 24.74
N VAL A 237 -8.25 -10.01 25.25
CA VAL A 237 -8.31 -10.38 26.65
C VAL A 237 -7.91 -9.20 27.54
N TRP A 238 -6.82 -8.53 27.16
CA TRP A 238 -6.36 -7.34 27.87
C TRP A 238 -7.42 -6.25 27.92
N GLN A 239 -8.12 -6.07 26.80
CA GLN A 239 -9.16 -5.06 26.71
C GLN A 239 -10.36 -5.41 27.60
N ILE A 240 -10.59 -6.70 27.76
CA ILE A 240 -11.68 -7.17 28.63
C ILE A 240 -11.31 -6.96 30.09
N ILE A 241 -10.08 -7.30 30.44
CA ILE A 241 -9.57 -7.12 31.79
C ILE A 241 -9.51 -5.65 32.20
N HIS A 242 -8.85 -4.83 31.39
CA HIS A 242 -8.72 -3.40 31.68
C HIS A 242 -9.75 -2.62 30.89
N ARG A 243 -11.02 -2.95 31.12
CA ARG A 243 -12.13 -2.36 30.40
C ARG A 243 -12.16 -0.84 30.59
N ASN A 244 -11.54 -0.37 31.66
CA ASN A 244 -11.49 1.06 31.95
C ASN A 244 -10.37 1.76 31.17
N GLN A 245 -9.39 0.97 30.72
CA GLN A 245 -8.31 1.51 29.90
C GLN A 245 -8.75 1.66 28.46
N ASN A 246 -8.06 2.52 27.72
CA ASN A 246 -8.38 2.71 26.32
C ASN A 246 -7.07 2.86 25.54
N TYR A 247 -7.18 3.22 24.26
CA TYR A 247 -6.01 3.30 23.39
C TYR A 247 -5.15 4.54 23.66
N GLN A 248 -3.88 4.45 23.32
CA GLN A 248 -2.92 5.55 23.45
C GLN A 248 -1.88 5.46 22.33
N PRO A 249 -1.52 6.61 21.74
CA PRO A 249 -2.00 7.92 22.16
C PRO A 249 -3.32 8.34 21.55
N MET A 250 -4.08 9.14 22.30
CA MET A 250 -5.33 9.69 21.84
C MET A 250 -5.07 10.92 20.99
N LYS A 251 -3.90 11.52 21.24
CA LYS A 251 -3.52 12.76 20.58
C LYS A 251 -2.05 13.08 20.81
N ASN A 252 -1.52 14.02 20.02
CA ASN A 252 -0.15 14.52 20.17
C ASN A 252 0.92 13.46 19.86
N GLY A 253 0.49 12.33 19.29
CA GLY A 253 1.42 11.32 18.83
C GLY A 253 1.69 11.49 17.35
N PRO A 254 2.61 10.69 16.79
CA PRO A 254 2.91 10.76 15.36
C PRO A 254 1.66 10.46 14.52
N PHE A 255 1.53 11.11 13.37
CA PHE A 255 0.38 10.90 12.51
C PHE A 255 0.34 9.47 12.00
N GLY A 256 -0.77 8.79 12.27
CA GLY A 256 -0.91 7.39 11.93
C GLY A 256 -0.89 6.52 13.17
N GLN A 257 -0.59 7.14 14.31
CA GLN A 257 -0.48 6.42 15.57
C GLN A 257 -1.56 6.84 16.56
N ASN A 258 -2.22 7.96 16.30
CA ASN A 258 -3.25 8.45 17.20
C ASN A 258 -4.55 7.67 17.06
N PHE A 259 -5.39 7.80 18.09
CA PHE A 259 -6.66 7.07 18.17
C PHE A 259 -7.57 7.22 16.96
N ARG A 260 -7.53 8.39 16.33
CA ARG A 260 -8.44 8.68 15.23
C ARG A 260 -7.70 8.97 13.93
N ASP A 261 -6.50 8.42 13.79
CA ASP A 261 -5.71 8.58 12.58
C ASP A 261 -5.90 7.39 11.64
N PRO A 262 -5.99 7.67 10.34
CA PRO A 262 -6.06 6.57 9.36
C PRO A 262 -4.79 5.72 9.41
N MET A 263 -4.93 4.41 9.32
CA MET A 263 -3.78 3.51 9.37
C MET A 263 -3.37 3.08 7.96
N TYR A 264 -2.21 3.48 7.48
CA TYR A 264 -1.74 3.06 6.16
C TYR A 264 -1.57 1.52 6.07
N PRO A 265 -1.85 0.86 4.94
CA PRO A 265 -2.22 1.63 3.77
C PRO A 265 -3.68 2.02 3.65
N TRP A 266 -4.55 1.98 4.71
CA TRP A 266 -6.00 2.11 4.69
C TRP A 266 -6.44 3.45 5.27
N ASN A 267 -7.76 3.62 5.35
CA ASN A 267 -8.34 4.78 6.00
C ASN A 267 -8.87 4.37 7.37
N THR A 268 -8.77 3.07 7.67
CA THR A 268 -9.23 2.55 8.94
C THR A 268 -8.45 3.15 10.10
N THR A 269 -9.15 3.51 11.17
CA THR A 269 -8.52 4.08 12.35
C THR A 269 -8.53 3.05 13.49
N PRO A 270 -7.66 3.24 14.50
CA PRO A 270 -7.69 2.37 15.67
C PRO A 270 -9.07 2.31 16.32
N GLU A 271 -9.80 3.43 16.28
CA GLU A 271 -11.13 3.50 16.86
C GLU A 271 -12.10 2.55 16.17
N ASP A 272 -11.93 2.37 14.87
CA ASP A 272 -12.82 1.53 14.08
C ASP A 272 -12.71 0.05 14.45
N VAL A 273 -11.60 -0.33 15.05
CA VAL A 273 -11.34 -1.72 15.39
C VAL A 273 -11.04 -1.92 16.88
N MET A 274 -11.36 -0.91 17.68
CA MET A 274 -11.08 -0.97 19.12
C MET A 274 -11.90 -2.05 19.81
N ASN A 275 -13.09 -2.34 19.28
CA ASN A 275 -13.95 -3.35 19.86
C ASN A 275 -14.14 -4.50 18.87
N HIS A 276 -13.44 -5.60 19.11
CA HIS A 276 -13.45 -6.74 18.19
C HIS A 276 -14.83 -7.36 18.02
N ARG A 277 -15.66 -7.27 19.06
CA ARG A 277 -17.02 -7.80 19.00
C ARG A 277 -17.88 -7.01 18.01
N LYS A 278 -17.65 -5.70 17.96
CA LYS A 278 -18.35 -4.83 17.01
C LYS A 278 -18.00 -5.21 15.57
N LEU A 279 -16.79 -5.73 15.38
CA LEU A 279 -16.33 -6.16 14.06
C LEU A 279 -17.06 -7.41 13.58
N GLY A 280 -17.73 -8.09 14.50
CA GLY A 280 -18.57 -9.22 14.14
C GLY A 280 -17.96 -10.58 14.43
N TYR A 281 -16.92 -10.61 15.26
CA TYR A 281 -16.29 -11.88 15.62
C TYR A 281 -15.96 -11.98 17.10
N VAL A 282 -15.75 -13.20 17.56
CA VAL A 282 -15.44 -13.47 18.95
C VAL A 282 -14.51 -14.68 19.05
N TYR A 283 -13.69 -14.72 20.09
CA TYR A 283 -12.81 -15.86 20.32
C TYR A 283 -13.47 -16.91 21.21
N ASP A 284 -13.19 -18.17 20.93
CA ASP A 284 -13.84 -19.29 21.61
C ASP A 284 -13.76 -19.24 23.14
N ILE A 285 -12.64 -18.74 23.67
CA ILE A 285 -12.45 -18.65 25.11
C ILE A 285 -13.42 -17.68 25.77
N GLU A 286 -14.02 -16.80 24.98
CA GLU A 286 -15.00 -15.85 25.50
C GLU A 286 -16.37 -16.51 25.64
N LEU A 287 -16.43 -17.81 25.40
CA LEU A 287 -17.69 -18.55 25.47
C LEU A 287 -17.58 -19.74 26.42
N LYS B 1 -20.34 16.57 -11.30
CA LYS B 1 -20.43 17.49 -12.42
C LYS B 1 -20.30 18.94 -11.99
N TYR B 2 -20.15 19.16 -10.68
CA TYR B 2 -20.05 20.51 -10.13
C TYR B 2 -18.63 20.97 -9.83
N ARG B 3 -17.72 20.05 -9.54
CA ARG B 3 -16.35 20.45 -9.30
C ARG B 3 -15.62 20.55 -10.63
N VAL B 4 -15.17 21.76 -10.95
CA VAL B 4 -14.49 22.00 -12.21
C VAL B 4 -12.97 21.96 -12.05
N ARG B 5 -12.31 21.18 -12.90
CA ARG B 5 -10.88 21.08 -12.87
C ARG B 5 -10.34 21.97 -13.98
N LYS B 6 -9.66 23.05 -13.60
CA LYS B 6 -9.29 24.07 -14.56
C LYS B 6 -7.86 23.94 -15.06
N ASN B 7 -7.60 24.52 -16.22
CA ASN B 7 -6.25 24.59 -16.77
C ASN B 7 -5.41 25.51 -15.89
N VAL B 8 -4.18 25.09 -15.64
CA VAL B 8 -3.26 25.86 -14.80
C VAL B 8 -3.14 27.31 -15.28
N LEU B 9 -3.10 27.48 -16.60
CA LEU B 9 -2.97 28.81 -17.20
C LEU B 9 -4.23 29.66 -17.00
N HIS B 10 -5.36 29.01 -16.73
CA HIS B 10 -6.61 29.74 -16.51
C HIS B 10 -6.89 29.94 -15.01
N LEU B 11 -5.86 29.79 -14.20
CA LEU B 11 -6.01 30.01 -12.76
C LEU B 11 -5.67 31.44 -12.39
N THR B 12 -6.32 31.94 -11.35
CA THR B 12 -6.03 33.27 -10.83
C THR B 12 -4.89 33.16 -9.81
N ASP B 13 -4.21 34.27 -9.57
CA ASP B 13 -3.14 34.33 -8.58
C ASP B 13 -3.62 33.77 -7.23
N THR B 14 -4.83 34.13 -6.85
CA THR B 14 -5.43 33.67 -5.61
C THR B 14 -5.66 32.15 -5.64
N GLU B 15 -6.04 31.64 -6.80
CA GLU B 15 -6.28 30.20 -6.96
C GLU B 15 -4.98 29.40 -6.87
N LYS B 16 -3.96 29.87 -7.57
CA LYS B 16 -2.65 29.24 -7.57
C LYS B 16 -2.04 29.26 -6.16
N ARG B 17 -2.38 30.29 -5.40
CA ARG B 17 -1.85 30.48 -4.06
C ARG B 17 -2.54 29.59 -3.04
N ASP B 18 -3.84 29.37 -3.25
CA ASP B 18 -4.62 28.56 -2.33
C ASP B 18 -4.36 27.07 -2.54
N PHE B 19 -4.10 26.69 -3.79
CA PHE B 19 -3.76 25.31 -4.11
C PHE B 19 -2.44 24.92 -3.46
N VAL B 20 -1.42 25.76 -3.66
CA VAL B 20 -0.11 25.55 -3.06
C VAL B 20 -0.19 25.43 -1.55
N ARG B 21 -0.93 26.33 -0.93
CA ARG B 21 -1.10 26.34 0.52
C ARG B 21 -1.75 25.06 1.02
N THR B 22 -2.75 24.59 0.29
CA THR B 22 -3.47 23.37 0.66
C THR B 22 -2.54 22.15 0.56
N VAL B 23 -1.70 22.13 -0.47
CA VAL B 23 -0.73 21.07 -0.65
C VAL B 23 0.28 21.06 0.49
N LEU B 24 0.71 22.25 0.90
CA LEU B 24 1.67 22.38 1.99
C LEU B 24 1.09 21.94 3.33
N ILE B 25 -0.20 22.16 3.51
CA ILE B 25 -0.88 21.75 4.73
C ILE B 25 -1.00 20.22 4.78
N LEU B 26 -1.33 19.63 3.65
CA LEU B 26 -1.42 18.17 3.55
C LEU B 26 -0.07 17.52 3.82
N LYS B 27 0.99 18.21 3.40
CA LYS B 27 2.35 17.73 3.63
C LYS B 27 2.70 17.79 5.11
N GLU B 28 2.34 18.90 5.76
CA GLU B 28 2.62 19.10 7.17
C GLU B 28 1.86 18.11 8.05
N LYS B 29 0.65 17.74 7.63
CA LYS B 29 -0.18 16.82 8.41
C LYS B 29 0.27 15.36 8.26
N GLY B 30 1.04 15.07 7.23
CA GLY B 30 1.53 13.72 7.00
C GLY B 30 0.67 12.93 6.03
N ILE B 31 -0.34 13.59 5.46
CA ILE B 31 -1.25 12.94 4.53
C ILE B 31 -0.61 12.78 3.16
N TYR B 32 0.20 13.76 2.77
CA TYR B 32 0.86 13.75 1.47
C TYR B 32 1.76 12.52 1.30
N ASP B 33 2.44 12.14 2.38
CA ASP B 33 3.34 10.99 2.34
C ASP B 33 2.61 9.69 2.03
N ARG B 34 1.33 9.62 2.36
CA ARG B 34 0.52 8.44 2.07
C ARG B 34 0.38 8.22 0.56
N TYR B 35 0.35 9.33 -0.18
CA TYR B 35 0.21 9.26 -1.63
C TYR B 35 1.51 8.87 -2.32
N ILE B 36 2.64 9.33 -1.77
CA ILE B 36 3.93 8.93 -2.29
C ILE B 36 4.12 7.44 -2.05
N ALA B 37 3.71 6.99 -0.86
CA ALA B 37 3.83 5.59 -0.48
C ALA B 37 2.90 4.69 -1.29
N TRP B 38 1.64 5.11 -1.44
CA TRP B 38 0.67 4.37 -2.24
C TRP B 38 1.17 4.13 -3.65
N HIS B 39 1.73 5.18 -4.24
CA HIS B 39 2.23 5.13 -5.61
C HIS B 39 3.43 4.17 -5.72
N GLY B 40 4.32 4.25 -4.73
CA GLY B 40 5.49 3.40 -4.71
C GLY B 40 5.15 1.94 -4.45
N ALA B 41 4.18 1.71 -3.57
CA ALA B 41 3.74 0.36 -3.24
C ALA B 41 3.11 -0.33 -4.45
N ALA B 42 2.33 0.42 -5.23
CA ALA B 42 1.66 -0.13 -6.39
C ALA B 42 2.67 -0.50 -7.48
N GLY B 43 3.73 0.28 -7.58
CA GLY B 43 4.77 0.03 -8.56
C GLY B 43 5.51 -1.28 -8.34
N LYS B 44 5.50 -1.77 -7.11
CA LYS B 44 6.15 -3.03 -6.77
C LYS B 44 5.17 -4.18 -6.66
N PHE B 45 3.89 -3.90 -6.93
CA PHE B 45 2.87 -4.94 -6.91
C PHE B 45 2.61 -5.45 -8.31
N HIS B 46 3.26 -6.56 -8.67
CA HIS B 46 3.20 -7.08 -10.03
C HIS B 46 1.98 -7.96 -10.26
N THR B 47 1.41 -7.87 -11.46
CA THR B 47 0.20 -8.62 -11.80
C THR B 47 0.36 -9.36 -13.12
N PRO B 48 0.70 -10.65 -13.05
CA PRO B 48 0.95 -11.42 -11.83
C PRO B 48 2.41 -11.29 -11.39
N PRO B 49 2.77 -11.83 -10.21
CA PRO B 49 4.19 -11.83 -9.84
C PRO B 49 5.04 -12.54 -10.88
N GLY B 50 6.14 -11.90 -11.29
CA GLY B 50 7.00 -12.46 -12.32
C GLY B 50 6.96 -11.64 -13.59
N SER B 51 5.81 -11.03 -13.86
CA SER B 51 5.63 -10.23 -15.06
C SER B 51 6.13 -8.81 -14.83
N ASP B 52 6.18 -8.02 -15.90
CA ASP B 52 6.65 -6.64 -15.82
C ASP B 52 5.50 -5.67 -15.59
N ARG B 53 4.28 -6.18 -15.59
CA ARG B 53 3.11 -5.37 -15.26
C ARG B 53 3.08 -5.09 -13.77
N ASN B 54 2.52 -3.94 -13.39
CA ASN B 54 2.21 -3.69 -11.99
C ASN B 54 0.84 -3.04 -11.87
N ALA B 55 0.40 -2.83 -10.64
CA ALA B 55 -0.96 -2.36 -10.37
C ALA B 55 -1.25 -0.98 -10.94
N ALA B 56 -0.23 -0.17 -11.12
CA ALA B 56 -0.43 1.23 -11.52
C ALA B 56 0.19 1.58 -12.87
N HIS B 57 1.09 0.75 -13.37
CA HIS B 57 1.81 1.07 -14.61
C HIS B 57 2.01 -0.14 -15.52
N MET B 58 2.32 0.15 -16.78
CA MET B 58 2.67 -0.86 -17.77
C MET B 58 1.58 -1.93 -17.94
N SER B 59 0.33 -1.50 -17.80
CA SER B 59 -0.80 -2.42 -17.85
C SER B 59 -2.11 -1.66 -17.98
N SER B 60 -3.20 -2.39 -18.18
CA SER B 60 -4.51 -1.78 -18.45
C SER B 60 -5.03 -0.91 -17.32
N ALA B 61 -4.65 -1.24 -16.09
CA ALA B 61 -5.14 -0.51 -14.92
C ALA B 61 -4.51 0.87 -14.77
N PHE B 62 -3.53 1.18 -15.61
CA PHE B 62 -2.79 2.44 -15.54
C PHE B 62 -3.68 3.69 -15.40
N LEU B 63 -4.66 3.82 -16.30
CA LEU B 63 -5.52 5.00 -16.28
C LEU B 63 -6.54 5.02 -15.13
N PRO B 64 -7.28 3.92 -14.90
CA PRO B 64 -8.23 4.00 -13.77
C PRO B 64 -7.55 4.11 -12.41
N TRP B 65 -6.35 3.55 -12.27
CA TRP B 65 -5.62 3.61 -11.01
C TRP B 65 -5.30 5.07 -10.63
N HIS B 66 -4.71 5.80 -11.57
CA HIS B 66 -4.31 7.17 -11.32
C HIS B 66 -5.51 8.10 -11.16
N ARG B 67 -6.63 7.74 -11.79
CA ARG B 67 -7.85 8.53 -11.63
C ARG B 67 -8.36 8.43 -10.20
N GLU B 68 -8.31 7.22 -9.64
CA GLU B 68 -8.69 7.01 -8.24
C GLU B 68 -7.68 7.70 -7.34
N TYR B 69 -6.42 7.64 -7.75
CA TYR B 69 -5.32 8.28 -7.04
C TYR B 69 -5.55 9.80 -6.94
N LEU B 70 -5.93 10.42 -8.05
CA LEU B 70 -6.19 11.85 -8.07
C LEU B 70 -7.49 12.19 -7.33
N LEU B 71 -8.48 11.32 -7.46
CA LEU B 71 -9.78 11.53 -6.81
C LEU B 71 -9.62 11.59 -5.29
N ARG B 72 -8.90 10.62 -4.74
CA ARG B 72 -8.63 10.57 -3.31
C ARG B 72 -7.83 11.80 -2.87
N PHE B 73 -6.85 12.17 -3.69
CA PHE B 73 -6.00 13.33 -3.39
C PHE B 73 -6.81 14.62 -3.38
N GLU B 74 -7.71 14.76 -4.35
CA GLU B 74 -8.53 15.96 -4.46
C GLU B 74 -9.48 16.11 -3.27
N ARG B 75 -10.03 14.98 -2.82
CA ARG B 75 -10.93 14.99 -1.66
C ARG B 75 -10.20 15.42 -0.39
N ASP B 76 -8.94 15.01 -0.26
CA ASP B 76 -8.13 15.42 0.89
C ASP B 76 -7.84 16.92 0.84
N LEU B 77 -7.70 17.46 -0.35
CA LEU B 77 -7.46 18.88 -0.54
C LEU B 77 -8.66 19.68 -0.03
N GLN B 78 -9.85 19.22 -0.37
CA GLN B 78 -11.10 19.90 -0.01
C GLN B 78 -11.46 19.74 1.47
N SER B 79 -10.89 18.73 2.12
CA SER B 79 -11.04 18.58 3.55
C SER B 79 -10.40 19.78 4.25
N ILE B 80 -9.41 20.35 3.58
CA ILE B 80 -8.73 21.55 4.06
C ILE B 80 -9.41 22.81 3.55
N ASN B 81 -9.73 22.82 2.26
CA ASN B 81 -10.35 23.97 1.62
C ASN B 81 -11.28 23.53 0.49
N PRO B 82 -12.60 23.59 0.73
CA PRO B 82 -13.63 23.15 -0.23
C PRO B 82 -13.62 23.91 -1.56
N GLU B 83 -12.88 25.02 -1.63
CA GLU B 83 -12.80 25.81 -2.85
C GLU B 83 -11.68 25.34 -3.76
N VAL B 84 -10.84 24.43 -3.26
CA VAL B 84 -9.70 23.97 -4.03
C VAL B 84 -10.00 22.73 -4.86
N THR B 85 -9.68 22.80 -6.14
CA THR B 85 -9.80 21.66 -7.04
C THR B 85 -8.44 21.41 -7.69
N LEU B 86 -8.25 20.20 -8.20
CA LEU B 86 -6.97 19.83 -8.79
C LEU B 86 -6.83 20.38 -10.21
N PRO B 87 -5.88 21.30 -10.43
CA PRO B 87 -5.71 21.82 -11.79
C PRO B 87 -4.99 20.82 -12.66
N TYR B 88 -4.88 21.09 -13.95
CA TYR B 88 -4.14 20.21 -14.83
C TYR B 88 -3.14 21.00 -15.69
N TRP B 89 -2.03 20.38 -16.00
CA TRP B 89 -1.01 20.98 -16.80
C TRP B 89 -1.14 20.57 -18.24
N GLU B 90 -1.63 21.45 -19.08
CA GLU B 90 -1.77 21.17 -20.50
C GLU B 90 -0.42 21.29 -21.18
N TRP B 91 0.43 20.33 -20.94
CA TRP B 91 1.76 20.34 -21.49
C TRP B 91 1.84 20.35 -22.99
N GLU B 92 0.83 19.85 -23.68
CA GLU B 92 0.80 19.82 -25.14
C GLU B 92 0.76 21.24 -25.71
N THR B 93 0.21 22.17 -24.93
CA THR B 93 0.18 23.57 -25.33
C THR B 93 1.50 24.23 -24.99
N ASP B 94 2.08 23.84 -23.87
CA ASP B 94 3.39 24.34 -23.46
C ASP B 94 4.49 23.89 -24.41
N ALA B 95 4.24 22.80 -25.14
CA ALA B 95 5.20 22.30 -26.11
C ALA B 95 5.32 23.23 -27.31
N GLN B 96 4.24 23.95 -27.61
CA GLN B 96 4.25 24.92 -28.70
C GLN B 96 5.20 26.07 -28.41
N MET B 97 5.46 26.30 -27.13
CA MET B 97 6.39 27.35 -26.74
C MET B 97 7.80 26.99 -27.17
N GLN B 98 8.59 28.05 -27.29
CA GLN B 98 9.98 28.02 -27.70
C GLN B 98 10.93 27.85 -26.52
N ASP B 99 10.36 27.87 -25.31
CA ASP B 99 11.05 27.61 -24.06
C ASP B 99 10.01 27.26 -23.00
N PRO B 100 9.61 25.98 -22.92
CA PRO B 100 8.59 25.51 -21.98
C PRO B 100 8.93 25.79 -20.52
N SER B 101 10.21 26.01 -20.23
CA SER B 101 10.64 26.30 -18.86
C SER B 101 10.22 27.70 -18.43
N GLN B 102 9.73 28.49 -19.38
CA GLN B 102 9.29 29.85 -19.08
C GLN B 102 7.77 29.94 -18.91
N SER B 103 7.10 28.79 -18.95
CA SER B 103 5.66 28.75 -18.76
C SER B 103 5.29 29.23 -17.36
N GLN B 104 4.08 29.76 -17.21
CA GLN B 104 3.65 30.33 -15.94
C GLN B 104 3.51 29.29 -14.84
N ILE B 105 3.39 28.02 -15.22
CA ILE B 105 3.29 26.95 -14.24
C ILE B 105 4.57 26.87 -13.42
N TRP B 106 5.69 27.27 -14.02
CA TRP B 106 7.00 27.20 -13.35
C TRP B 106 7.35 28.51 -12.65
N SER B 107 6.33 29.33 -12.39
CA SER B 107 6.53 30.61 -11.71
C SER B 107 6.66 30.41 -10.21
N ALA B 108 7.33 31.36 -9.55
CA ALA B 108 7.62 31.26 -8.13
C ALA B 108 6.37 31.23 -7.24
N ASP B 109 5.23 31.55 -7.84
CA ASP B 109 3.97 31.56 -7.11
C ASP B 109 3.18 30.27 -7.25
N PHE B 110 3.76 29.29 -7.96
CA PHE B 110 3.08 28.02 -8.14
C PHE B 110 3.93 26.77 -7.93
N MET B 111 4.75 26.40 -8.91
CA MET B 111 5.51 25.15 -8.84
C MET B 111 6.98 25.44 -8.62
N GLY B 112 7.43 26.61 -9.08
CA GLY B 112 8.85 26.93 -9.06
C GLY B 112 9.46 26.55 -10.38
N GLY B 113 10.68 27.00 -10.64
CA GLY B 113 11.30 26.80 -11.93
C GLY B 113 12.16 25.56 -12.03
N ASN B 114 13.07 25.55 -13.00
CA ASN B 114 13.96 24.43 -13.21
C ASN B 114 14.99 24.37 -12.07
N GLY B 115 15.73 23.30 -12.00
CA GLY B 115 16.69 23.18 -10.94
C GLY B 115 17.95 23.95 -11.19
N ASN B 116 18.85 23.95 -10.20
CA ASN B 116 20.12 24.65 -10.31
C ASN B 116 21.25 23.69 -10.66
N PRO B 117 21.89 23.92 -11.80
CA PRO B 117 23.00 23.09 -12.25
C PRO B 117 24.23 23.25 -11.36
N ILE B 118 24.23 24.27 -10.50
CA ILE B 118 25.34 24.48 -9.58
C ILE B 118 25.08 23.74 -8.25
N LYS B 119 23.83 23.39 -8.00
CA LYS B 119 23.46 22.67 -6.78
C LYS B 119 22.93 21.28 -7.12
N ASP B 120 23.47 20.69 -8.18
CA ASP B 120 23.11 19.34 -8.62
C ASP B 120 21.64 19.29 -9.05
N PHE B 121 21.20 20.38 -9.63
CA PHE B 121 19.87 20.51 -10.14
C PHE B 121 18.80 20.54 -9.11
N ILE B 122 19.12 21.07 -7.96
CA ILE B 122 18.15 21.18 -6.92
C ILE B 122 17.27 22.35 -7.30
N VAL B 123 16.03 22.29 -6.88
CA VAL B 123 15.12 23.41 -7.10
C VAL B 123 15.27 24.43 -5.98
N ASP B 124 15.59 25.66 -6.35
CA ASP B 124 15.78 26.72 -5.39
C ASP B 124 14.83 27.87 -5.53
N THR B 125 13.79 27.68 -6.32
CA THR B 125 12.74 28.67 -6.50
C THR B 125 11.36 28.07 -6.26
N GLY B 126 10.40 28.90 -5.88
CA GLY B 126 9.06 28.45 -5.64
C GLY B 126 8.86 27.95 -4.22
N PRO B 127 7.61 27.62 -3.86
CA PRO B 127 7.27 27.15 -2.51
C PRO B 127 7.74 25.73 -2.22
N PHE B 128 8.25 25.05 -3.24
CA PHE B 128 8.70 23.67 -3.08
C PHE B 128 10.22 23.53 -3.24
N ALA B 129 10.93 24.61 -2.92
CA ALA B 129 12.38 24.61 -3.01
C ALA B 129 13.00 23.92 -1.80
N ALA B 130 14.25 23.51 -1.92
CA ALA B 130 14.97 22.88 -0.82
C ALA B 130 15.02 23.79 0.40
N GLY B 131 14.52 23.28 1.53
CA GLY B 131 14.46 24.07 2.75
C GLY B 131 13.02 24.30 3.17
N ARG B 132 12.10 24.22 2.20
CA ARG B 132 10.69 24.41 2.46
C ARG B 132 9.88 23.16 2.13
N TRP B 133 10.50 22.24 1.41
CA TRP B 133 9.81 21.04 0.94
C TRP B 133 10.72 19.82 1.01
N THR B 134 10.37 18.88 1.88
CA THR B 134 11.18 17.68 2.08
C THR B 134 10.72 16.51 1.21
N THR B 135 11.69 15.78 0.68
CA THR B 135 11.39 14.62 -0.17
C THR B 135 11.91 13.32 0.43
N ILE B 136 11.30 12.20 0.03
CA ILE B 136 11.73 10.88 0.48
C ILE B 136 12.15 10.00 -0.70
N ASP B 137 13.05 9.04 -0.46
CA ASP B 137 13.59 8.22 -1.54
C ASP B 137 12.73 6.99 -1.82
N GLU B 138 13.24 6.11 -2.69
CA GLU B 138 12.54 4.89 -3.10
C GLU B 138 12.27 3.91 -1.96
N GLN B 139 12.94 4.09 -0.83
CA GLN B 139 12.81 3.17 0.29
C GLN B 139 11.90 3.71 1.39
N GLY B 140 11.37 4.90 1.15
CA GLY B 140 10.50 5.54 2.13
C GLY B 140 11.34 6.31 3.13
N ASN B 141 12.61 6.51 2.79
CA ASN B 141 13.52 7.24 3.65
C ASN B 141 13.83 8.62 3.08
N PRO B 142 14.00 9.61 3.96
CA PRO B 142 14.26 11.01 3.64
C PRO B 142 15.40 11.24 2.64
N SER B 143 15.23 12.23 1.76
CA SER B 143 16.23 12.54 0.75
C SER B 143 16.68 14.00 0.90
N GLY B 144 17.44 14.49 -0.06
CA GLY B 144 17.94 15.86 0.00
C GLY B 144 16.95 16.98 -0.22
N GLY B 145 16.52 17.15 -1.47
CA GLY B 145 15.55 18.16 -1.83
C GLY B 145 14.97 17.89 -3.20
N LEU B 146 13.92 18.60 -3.57
CA LEU B 146 13.29 18.38 -4.87
C LEU B 146 14.26 18.75 -5.98
N LYS B 147 14.29 17.92 -7.02
CA LYS B 147 15.20 18.13 -8.14
C LYS B 147 14.45 18.18 -9.46
N ARG B 148 14.92 19.03 -10.37
CA ARG B 148 14.36 19.13 -11.70
C ARG B 148 15.47 19.36 -12.72
N ASN B 149 15.27 18.89 -13.94
CA ASN B 149 16.27 19.03 -14.99
C ASN B 149 15.62 18.91 -16.37
N PHE B 150 14.94 19.98 -16.76
CA PHE B 150 14.14 20.02 -17.98
C PHE B 150 14.90 19.67 -19.25
N GLY B 151 14.35 18.71 -20.00
CA GLY B 151 14.85 18.32 -21.31
C GLY B 151 16.34 18.08 -21.47
N ALA B 152 16.99 17.58 -20.42
CA ALA B 152 18.42 17.29 -20.50
C ALA B 152 18.63 15.82 -20.87
N THR B 153 17.58 15.19 -21.35
CA THR B 153 17.62 13.78 -21.74
C THR B 153 17.50 13.69 -23.27
N LYS B 154 18.16 12.70 -23.86
CA LYS B 154 18.15 12.53 -25.31
C LYS B 154 16.86 11.89 -25.79
N GLU B 155 16.27 11.03 -24.96
CA GLU B 155 15.05 10.33 -25.32
C GLU B 155 13.83 11.23 -25.20
N ALA B 156 13.93 12.26 -24.37
CA ALA B 156 12.83 13.21 -24.20
C ALA B 156 13.34 14.66 -24.10
N PRO B 157 13.87 15.21 -25.20
CA PRO B 157 14.36 16.59 -25.19
C PRO B 157 13.22 17.60 -25.30
N THR B 158 12.05 17.13 -25.71
CA THR B 158 10.89 18.01 -25.89
C THR B 158 9.65 17.45 -25.18
N LEU B 159 8.67 18.32 -24.99
CA LEU B 159 7.38 17.89 -24.45
C LEU B 159 6.52 17.36 -25.60
N PRO B 160 5.58 16.46 -25.29
CA PRO B 160 4.69 15.95 -26.33
C PRO B 160 3.76 17.03 -26.88
N THR B 161 3.37 16.89 -28.15
CA THR B 161 2.59 17.92 -28.83
C THR B 161 1.11 17.57 -28.93
N ARG B 162 0.32 18.53 -29.37
CA ARG B 162 -1.11 18.33 -29.53
C ARG B 162 -1.32 17.23 -30.56
N ASP B 163 -0.46 17.22 -31.57
CA ASP B 163 -0.53 16.22 -32.62
C ASP B 163 -0.46 14.82 -32.03
N ASP B 164 0.45 14.64 -31.09
CA ASP B 164 0.60 13.37 -30.36
C ASP B 164 -0.66 13.00 -29.60
N VAL B 165 -1.28 13.99 -28.97
CA VAL B 165 -2.52 13.78 -28.22
C VAL B 165 -3.67 13.39 -29.14
N LEU B 166 -3.81 14.13 -30.25
CA LEU B 166 -4.85 13.87 -31.22
C LEU B 166 -4.66 12.48 -31.81
N ASN B 167 -3.42 12.17 -32.19
CA ASN B 167 -3.10 10.86 -32.76
C ASN B 167 -3.47 9.74 -31.81
N ALA B 168 -3.29 10.00 -30.51
CA ALA B 168 -3.66 9.03 -29.49
C ALA B 168 -5.17 8.91 -29.39
N LEU B 169 -5.87 10.02 -29.59
CA LEU B 169 -7.33 10.04 -29.53
C LEU B 169 -7.97 9.30 -30.70
N LYS B 170 -7.19 9.04 -31.74
CA LYS B 170 -7.69 8.36 -32.92
C LYS B 170 -7.85 6.86 -32.68
N ILE B 171 -7.13 6.33 -31.70
CA ILE B 171 -7.20 4.91 -31.37
C ILE B 171 -8.59 4.54 -30.91
N THR B 172 -9.07 3.37 -31.34
CA THR B 172 -10.43 2.93 -31.03
C THR B 172 -10.48 2.03 -29.80
N GLN B 173 -9.53 1.11 -29.71
CA GLN B 173 -9.50 0.15 -28.61
C GLN B 173 -8.78 0.74 -27.41
N TYR B 174 -9.38 0.60 -26.22
CA TYR B 174 -8.75 1.06 -24.99
C TYR B 174 -7.42 0.36 -24.77
N ASP B 175 -7.43 -0.97 -24.84
CA ASP B 175 -6.22 -1.76 -24.66
C ASP B 175 -6.28 -3.09 -25.40
N THR B 176 -5.11 -3.67 -25.64
CA THR B 176 -5.00 -4.93 -26.37
C THR B 176 -4.03 -5.88 -25.67
N PRO B 177 -4.26 -7.21 -25.81
CA PRO B 177 -3.33 -8.20 -25.27
C PRO B 177 -1.90 -7.99 -25.81
N PRO B 178 -0.89 -8.34 -25.01
CA PRO B 178 -0.98 -8.98 -23.69
C PRO B 178 -1.12 -7.98 -22.54
N TRP B 179 -1.74 -6.84 -22.82
CA TRP B 179 -2.00 -5.81 -21.81
C TRP B 179 -0.74 -5.36 -21.07
N ASP B 180 0.19 -4.75 -21.80
CA ASP B 180 1.44 -4.31 -21.21
C ASP B 180 2.14 -3.27 -22.10
N MET B 181 3.43 -3.05 -21.85
CA MET B 181 4.18 -2.04 -22.59
C MET B 181 4.27 -2.35 -24.09
N THR B 182 4.01 -3.59 -24.48
CA THR B 182 4.15 -3.97 -25.88
C THR B 182 2.80 -4.05 -26.60
N SER B 183 1.73 -3.69 -25.89
CA SER B 183 0.39 -3.66 -26.47
C SER B 183 0.30 -2.68 -27.64
N GLN B 184 -0.18 -3.17 -28.78
CA GLN B 184 -0.28 -2.35 -29.98
C GLN B 184 -1.72 -1.95 -30.26
N ASN B 185 -1.90 -0.83 -30.96
CA ASN B 185 -3.23 -0.28 -31.26
C ASN B 185 -4.05 -0.08 -29.99
N SER B 186 -3.36 0.24 -28.91
CA SER B 186 -3.97 0.44 -27.60
C SER B 186 -3.94 1.90 -27.18
N PHE B 187 -5.10 2.46 -26.83
CA PHE B 187 -5.15 3.84 -26.36
C PHE B 187 -4.36 4.02 -25.07
N ARG B 188 -4.52 3.07 -24.16
CA ARG B 188 -3.84 3.10 -22.88
C ARG B 188 -2.32 3.12 -23.07
N ASN B 189 -1.81 2.12 -23.77
CA ASN B 189 -0.38 2.00 -24.01
C ASN B 189 0.16 3.18 -24.82
N GLN B 190 -0.68 3.76 -25.66
CA GLN B 190 -0.28 4.92 -26.44
C GLN B 190 -0.18 6.15 -25.56
N LEU B 191 -1.21 6.39 -24.75
CA LEU B 191 -1.23 7.53 -23.85
C LEU B 191 -0.17 7.39 -22.76
N GLU B 192 0.02 6.17 -22.28
CA GLU B 192 1.07 5.93 -21.29
C GLU B 192 2.43 6.23 -21.91
N GLY B 193 2.61 5.82 -23.16
CA GLY B 193 3.78 6.26 -23.93
C GLY B 193 4.85 5.22 -24.21
N PHE B 194 4.45 3.97 -24.39
CA PHE B 194 5.41 2.91 -24.68
C PHE B 194 5.51 2.64 -26.18
N ILE B 195 4.54 3.12 -26.94
CA ILE B 195 4.57 3.03 -28.39
C ILE B 195 5.55 4.05 -28.96
N ASN B 196 6.69 3.55 -29.44
CA ASN B 196 7.80 4.41 -29.88
C ASN B 196 8.24 5.33 -28.75
N GLY B 197 8.34 4.77 -27.54
CA GLY B 197 8.60 5.56 -26.36
C GLY B 197 9.99 6.14 -26.26
N PRO B 198 10.17 7.12 -25.37
CA PRO B 198 9.10 7.63 -24.51
C PRO B 198 8.23 8.69 -25.19
N GLN B 199 6.91 8.53 -25.09
CA GLN B 199 5.97 9.49 -25.66
C GLN B 199 4.93 9.88 -24.62
N LEU B 200 4.27 11.02 -24.86
CA LEU B 200 3.17 11.50 -24.02
C LEU B 200 3.48 11.41 -22.52
N HIS B 201 2.70 10.64 -21.79
CA HIS B 201 2.87 10.48 -20.35
C HIS B 201 4.31 10.18 -19.91
N ASN B 202 4.86 9.07 -20.42
CA ASN B 202 6.22 8.69 -20.10
C ASN B 202 7.24 9.76 -20.47
N ARG B 203 6.97 10.47 -21.56
CA ARG B 203 7.88 11.51 -22.04
C ARG B 203 7.89 12.71 -21.10
N VAL B 204 6.72 13.10 -20.61
CA VAL B 204 6.61 14.20 -19.66
C VAL B 204 7.44 13.95 -18.41
N HIS B 205 7.34 12.74 -17.87
CA HIS B 205 8.13 12.35 -16.71
C HIS B 205 9.63 12.49 -16.95
N ARG B 206 10.09 11.92 -18.06
CA ARG B 206 11.51 11.95 -18.39
C ARG B 206 11.98 13.37 -18.72
N TRP B 207 11.06 14.19 -19.24
CA TRP B 207 11.39 15.55 -19.61
C TRP B 207 11.63 16.43 -18.37
N VAL B 208 10.77 16.28 -17.37
CA VAL B 208 10.89 17.06 -16.15
C VAL B 208 12.16 16.68 -15.40
N GLY B 209 12.47 15.39 -15.37
CA GLY B 209 13.68 14.91 -14.72
C GLY B 209 13.55 14.97 -13.20
N GLY B 210 14.68 14.75 -12.52
CA GLY B 210 14.69 14.74 -11.07
C GLY B 210 13.87 13.58 -10.53
N GLN B 211 13.14 13.84 -9.46
CA GLN B 211 12.27 12.82 -8.86
C GLN B 211 11.20 12.37 -9.85
N MET B 212 10.70 13.31 -10.67
CA MET B 212 9.69 13.01 -11.67
C MET B 212 10.17 12.03 -12.73
N GLY B 213 11.48 11.88 -12.84
CA GLY B 213 12.06 10.98 -13.83
C GLY B 213 12.01 9.53 -13.37
N VAL B 214 11.81 9.34 -12.07
CA VAL B 214 11.76 8.00 -11.50
C VAL B 214 10.38 7.76 -10.89
N VAL B 215 9.76 6.68 -11.28
CA VAL B 215 8.43 6.39 -10.81
C VAL B 215 8.18 6.30 -9.32
N PRO B 216 8.94 5.54 -8.57
CA PRO B 216 8.64 5.46 -7.13
C PRO B 216 8.79 6.77 -6.36
N THR B 217 9.47 7.76 -6.94
CA THR B 217 9.69 9.03 -6.26
C THR B 217 9.07 10.21 -7.00
N ALA B 218 8.38 9.93 -8.10
CA ALA B 218 7.74 10.97 -8.90
C ALA B 218 6.74 11.84 -8.13
N PRO B 219 5.87 11.24 -7.28
CA PRO B 219 4.93 12.09 -6.54
C PRO B 219 5.57 13.09 -5.57
N ASN B 220 6.89 12.99 -5.35
CA ASN B 220 7.58 13.96 -4.50
C ASN B 220 7.45 15.37 -5.05
N ASP B 221 7.32 15.46 -6.36
CA ASP B 221 7.13 16.72 -7.05
C ASP B 221 5.63 16.95 -7.23
N PRO B 222 5.11 18.05 -6.66
CA PRO B 222 3.68 18.38 -6.73
C PRO B 222 3.13 18.45 -8.16
N VAL B 223 3.99 18.72 -9.13
CA VAL B 223 3.57 18.78 -10.54
C VAL B 223 3.11 17.42 -11.06
N PHE B 224 3.43 16.36 -10.31
CA PHE B 224 2.99 15.00 -10.65
C PHE B 224 1.49 14.94 -10.79
N PHE B 225 0.78 15.57 -9.85
CA PHE B 225 -0.68 15.57 -9.85
C PHE B 225 -1.26 16.43 -10.97
N LEU B 226 -0.60 17.55 -11.25
CA LEU B 226 -1.02 18.43 -12.34
C LEU B 226 -0.84 17.74 -13.68
N HIS B 227 0.26 17.00 -13.80
CA HIS B 227 0.55 16.21 -14.99
C HIS B 227 -0.50 15.13 -15.22
N HIS B 228 -0.77 14.35 -14.18
CA HIS B 228 -1.72 13.25 -14.30
C HIS B 228 -3.17 13.69 -14.40
N ALA B 229 -3.43 14.93 -14.00
CA ALA B 229 -4.77 15.49 -14.16
C ALA B 229 -5.04 15.75 -15.64
N ASN B 230 -3.98 16.10 -16.37
CA ASN B 230 -4.06 16.25 -17.81
C ASN B 230 -4.25 14.91 -18.50
N VAL B 231 -3.55 13.89 -18.01
CA VAL B 231 -3.66 12.54 -18.53
C VAL B 231 -5.08 12.02 -18.32
N ASP B 232 -5.63 12.29 -17.15
CA ASP B 232 -6.99 11.89 -16.82
C ASP B 232 -7.98 12.64 -17.69
N ARG B 233 -7.65 13.88 -18.03
CA ARG B 233 -8.49 14.70 -18.90
C ARG B 233 -8.54 14.15 -20.32
N ILE B 234 -7.36 13.81 -20.85
CA ILE B 234 -7.26 13.21 -22.18
C ILE B 234 -8.06 11.92 -22.25
N TRP B 235 -7.96 11.11 -21.21
CA TRP B 235 -8.76 9.88 -21.13
C TRP B 235 -10.24 10.21 -21.12
N ALA B 236 -10.62 11.23 -20.33
CA ALA B 236 -12.00 11.66 -20.24
C ALA B 236 -12.52 12.14 -21.59
N VAL B 237 -11.66 12.82 -22.35
CA VAL B 237 -12.00 13.27 -23.69
C VAL B 237 -12.22 12.07 -24.59
N TRP B 238 -11.30 11.11 -24.51
CA TRP B 238 -11.38 9.87 -25.26
C TRP B 238 -12.69 9.14 -24.98
N GLN B 239 -13.10 9.12 -23.70
CA GLN B 239 -14.34 8.46 -23.31
C GLN B 239 -15.56 9.21 -23.83
N ILE B 240 -15.44 10.51 -24.00
CA ILE B 240 -16.51 11.35 -24.49
C ILE B 240 -16.68 11.12 -25.98
N ILE B 241 -15.58 11.13 -26.71
CA ILE B 241 -15.59 10.87 -28.14
C ILE B 241 -16.09 9.45 -28.41
N HIS B 242 -15.46 8.52 -27.75
CA HIS B 242 -15.81 7.11 -27.90
C HIS B 242 -16.75 6.63 -26.79
N ARG B 243 -17.91 7.26 -26.66
CA ARG B 243 -18.86 6.95 -25.59
C ARG B 243 -19.33 5.49 -25.54
N ASN B 244 -19.31 4.80 -26.66
CA ASN B 244 -19.77 3.41 -26.65
C ASN B 244 -18.65 2.47 -26.20
N GLN B 245 -17.41 2.92 -26.32
CA GLN B 245 -16.27 2.11 -25.91
C GLN B 245 -16.25 1.91 -24.39
N ASN B 246 -15.52 0.89 -23.95
CA ASN B 246 -15.40 0.57 -22.54
C ASN B 246 -13.98 0.15 -22.18
N TYR B 247 -13.79 -0.30 -20.95
CA TYR B 247 -12.47 -0.69 -20.46
C TYR B 247 -12.11 -2.06 -21.00
N GLN B 248 -10.81 -2.35 -21.05
CA GLN B 248 -10.31 -3.63 -21.53
C GLN B 248 -9.04 -3.99 -20.75
N PRO B 249 -8.93 -5.25 -20.33
CA PRO B 249 -9.85 -6.37 -20.56
C PRO B 249 -11.00 -6.42 -19.56
N MET B 250 -12.14 -6.97 -19.98
CA MET B 250 -13.29 -7.11 -19.09
C MET B 250 -13.12 -8.32 -18.20
N LYS B 251 -12.33 -9.28 -18.69
CA LYS B 251 -12.04 -10.51 -17.97
C LYS B 251 -10.96 -11.32 -18.69
N ASN B 252 -10.37 -12.28 -17.97
CA ASN B 252 -9.32 -13.14 -18.50
C ASN B 252 -7.97 -12.45 -18.62
N GLY B 253 -7.86 -11.27 -18.03
CA GLY B 253 -6.59 -10.56 -17.93
C GLY B 253 -6.01 -10.87 -16.56
N PRO B 254 -4.77 -10.41 -16.30
CA PRO B 254 -4.16 -10.62 -14.99
C PRO B 254 -4.99 -10.02 -13.87
N PHE B 255 -5.00 -10.66 -12.71
CA PHE B 255 -5.79 -10.16 -11.58
C PHE B 255 -5.29 -8.79 -11.14
N GLY B 256 -6.20 -7.82 -11.12
CA GLY B 256 -5.85 -6.46 -10.81
C GLY B 256 -5.93 -5.58 -12.05
N GLN B 257 -6.13 -6.23 -13.20
CA GLN B 257 -6.18 -5.52 -14.48
C GLN B 257 -7.55 -5.58 -15.13
N ASN B 258 -8.40 -6.49 -14.65
CA ASN B 258 -9.74 -6.66 -15.22
C ASN B 258 -10.69 -5.55 -14.77
N PHE B 259 -11.79 -5.43 -15.51
CA PHE B 259 -12.79 -4.38 -15.29
C PHE B 259 -13.33 -4.33 -13.86
N ARG B 260 -13.42 -5.50 -13.22
CA ARG B 260 -14.00 -5.59 -11.89
C ARG B 260 -13.04 -6.17 -10.85
N ASP B 261 -11.76 -5.97 -11.09
CA ASP B 261 -10.73 -6.40 -10.14
C ASP B 261 -10.37 -5.22 -9.24
N PRO B 262 -10.16 -5.49 -7.95
CA PRO B 262 -9.70 -4.43 -7.06
C PRO B 262 -8.32 -3.92 -7.47
N MET B 263 -8.11 -2.61 -7.40
CA MET B 263 -6.83 -2.05 -7.78
C MET B 263 -5.98 -1.80 -6.55
N TYR B 264 -4.93 -2.61 -6.38
CA TYR B 264 -4.03 -2.45 -5.26
C TYR B 264 -3.44 -1.04 -5.29
N PRO B 265 -3.31 -0.38 -4.13
CA PRO B 265 -3.59 -0.89 -2.78
C PRO B 265 -4.99 -0.62 -2.25
N TRP B 266 -5.96 -0.44 -3.14
CA TRP B 266 -7.33 -0.16 -2.71
C TRP B 266 -8.27 -1.30 -3.05
N ASN B 267 -9.55 -1.11 -2.75
CA ASN B 267 -10.59 -2.06 -3.14
C ASN B 267 -11.33 -1.54 -4.35
N THR B 268 -10.97 -0.33 -4.75
CA THR B 268 -11.57 0.32 -5.91
C THR B 268 -11.30 -0.46 -7.18
N THR B 269 -12.32 -0.59 -8.02
CA THR B 269 -12.20 -1.28 -9.29
C THR B 269 -12.22 -0.24 -10.41
N PRO B 270 -11.75 -0.61 -11.62
CA PRO B 270 -11.81 0.32 -12.75
C PRO B 270 -13.22 0.84 -13.03
N GLU B 271 -14.23 -0.01 -12.83
CA GLU B 271 -15.62 0.40 -13.04
C GLU B 271 -16.06 1.52 -12.10
N ASP B 272 -15.52 1.51 -10.89
CA ASP B 272 -15.90 2.49 -9.89
C ASP B 272 -15.50 3.90 -10.30
N VAL B 273 -14.53 3.99 -11.21
CA VAL B 273 -14.01 5.27 -11.66
C VAL B 273 -14.09 5.43 -13.17
N MET B 274 -14.87 4.57 -13.82
CA MET B 274 -14.98 4.58 -15.27
C MET B 274 -15.63 5.86 -15.80
N ASN B 275 -16.52 6.44 -15.00
CA ASN B 275 -17.20 7.68 -15.37
C ASN B 275 -16.81 8.81 -14.42
N HIS B 276 -15.93 9.70 -14.90
CA HIS B 276 -15.40 10.77 -14.06
C HIS B 276 -16.48 11.73 -13.56
N ARG B 277 -17.55 11.90 -14.34
CA ARG B 277 -18.65 12.77 -13.91
C ARG B 277 -19.41 12.17 -12.72
N LYS B 278 -19.56 10.85 -12.73
CA LYS B 278 -20.20 10.16 -11.61
C LYS B 278 -19.37 10.31 -10.35
N LEU B 279 -18.06 10.48 -10.52
CA LEU B 279 -17.17 10.69 -9.39
C LEU B 279 -17.39 12.07 -8.78
N GLY B 280 -18.07 12.94 -9.53
CA GLY B 280 -18.45 14.24 -9.02
C GLY B 280 -17.60 15.41 -9.49
N TYR B 281 -16.83 15.20 -10.55
CA TYR B 281 -16.01 16.28 -11.08
C TYR B 281 -16.04 16.34 -12.59
N VAL B 282 -15.64 17.50 -13.13
CA VAL B 282 -15.67 17.73 -14.57
C VAL B 282 -14.51 18.66 -14.94
N TYR B 283 -14.02 18.54 -16.18
CA TYR B 283 -12.97 19.41 -16.65
C TYR B 283 -13.56 20.64 -17.33
N ASP B 284 -12.92 21.79 -17.14
CA ASP B 284 -13.42 23.07 -17.62
C ASP B 284 -13.79 23.07 -19.11
N ILE B 285 -13.01 22.35 -19.91
CA ILE B 285 -13.25 22.29 -21.35
C ILE B 285 -14.57 21.59 -21.70
N GLU B 286 -15.12 20.86 -20.73
CA GLU B 286 -16.41 20.18 -20.93
C GLU B 286 -17.57 21.14 -20.74
N LEU B 287 -17.25 22.40 -20.57
CA LEU B 287 -18.25 23.41 -20.37
C LEU B 287 -18.20 24.47 -21.46
CU CU C . 3.97 -10.32 13.38
CU CU D . 3.23 -7.21 10.83
C01 JKB E . 6.34 -9.86 10.33
C02 JKB E . 4.93 -9.67 10.34
C03 JKB E . 7.08 -9.53 11.43
C04 JKB E . 4.30 -9.13 11.49
C05 JKB E . 6.44 -8.98 12.59
C06 JKB E . 5.04 -8.79 12.60
C07 JKB E . 8.63 -9.74 11.39
N08 JKB E . 9.01 -9.91 12.59
C09 JKB E . 10.41 -11.13 13.99
C10 JKB E . 10.03 -10.79 12.57
N11 JKB E . 10.81 -9.85 14.56
C12 JKB E . 9.94 -8.69 14.47
C13 JKB E . 9.23 -8.70 13.12
C14 JKB E . 12.12 -9.80 15.24
C15 JKB E . 12.80 -8.54 15.85
C16 JKB E . 13.44 -6.21 15.56
C17 JKB E . 12.80 -7.35 15.11
C18 JKB E . 14.09 -6.23 16.77
C19 JKB E . 14.13 -7.41 17.53
C20 JKB E . 13.48 -8.58 17.07
O22 JKB E . 12.77 -10.80 15.24
N23 JKB E . 14.75 -4.95 17.15
O24 JKB E . 14.86 -3.98 16.13
O25 JKB E . 15.20 -4.74 18.22
N26 JKB E . 12.17 -7.24 13.86
O28 JKB E . 11.23 -6.25 13.69
F21 JKB E . 2.99 -8.96 11.47
O27 JKB E . 12.47 -7.94 13.00
CU CU F . 2.14 6.55 -11.58
CU CU G . 2.99 9.29 -14.22
#